data_8HNF
#
_entry.id   8HNF
#
_cell.length_a   36.888
_cell.length_b   73.427
_cell.length_c   39.279
_cell.angle_alpha   90.000
_cell.angle_beta   99.970
_cell.angle_gamma   90.000
#
_symmetry.space_group_name_H-M   'P 1 21 1'
#
loop_
_entity.id
_entity.type
_entity.pdbx_description
1 polymer 'Anc5, ancestral GH19 chitinase'
2 non-polymer '2-(N-MORPHOLINO)-ETHANESULFONIC ACID'
3 non-polymer 2-(2-{2-[2-(2-METHOXY-ETHOXY)-ETHOXY]-ETHOXY}-ETHOXY)-ETHANOL
4 water water
#
_entity_poly.entity_id   1
_entity_poly.type   'polypeptide(L)'
_entity_poly.pdbx_seq_one_letter_code
;MISRSMFDQLLKHRNDGACPAKGFYTYDAFIAAAKSFPSFGTTGDTDVRKREIAAFLGQTSHETTGGWPTAPDGPYAWGY
CFLKEINPSSDYCDPSPQYPCAPGKQYYGRGPIQLSWNYNYGPCGEALGVDLLNNPDLVATDPVISFKTALWFWMTPQSP
KPSCHDVITGRWTPSAADRAAGRVPGYGVITNIINGGLECGKGPDAQVEDRIGFYKRYCDILGVSYGNNLDCYNQRPFG
;
_entity_poly.pdbx_strand_id   A
#
loop_
_chem_comp.id
_chem_comp.type
_chem_comp.name
_chem_comp.formula
1PG non-polymer 2-(2-{2-[2-(2-METHOXY-ETHOXY)-ETHOXY]-ETHOXY}-ETHOXY)-ETHANOL 'C11 H24 O6'
MES non-polymer '2-(N-MORPHOLINO)-ETHANESULFONIC ACID' 'C6 H13 N O4 S'
#
# COMPACT_ATOMS: atom_id res chain seq x y z
N MET A 1 4.44 12.11 12.41
CA MET A 1 3.50 12.38 11.33
C MET A 1 4.02 13.47 10.42
N ILE A 2 3.79 13.29 9.13
CA ILE A 2 4.34 14.23 8.17
C ILE A 2 3.39 15.40 8.07
N SER A 3 3.96 16.56 7.76
CA SER A 3 3.19 17.77 7.61
C SER A 3 2.58 17.83 6.21
N ARG A 4 1.70 18.82 6.04
CA ARG A 4 1.08 19.03 4.75
C ARG A 4 2.11 19.34 3.68
N SER A 5 3.06 20.24 3.99
CA SER A 5 4.06 20.61 2.99
C SER A 5 4.89 19.39 2.60
N MET A 6 5.20 18.53 3.57
CA MET A 6 5.98 17.33 3.27
C MET A 6 5.17 16.36 2.41
N PHE A 7 3.92 16.11 2.80
CA PHE A 7 3.02 15.27 2.00
C PHE A 7 2.97 15.76 0.57
N ASP A 8 2.81 17.07 0.39
CA ASP A 8 2.71 17.62 -0.95
C ASP A 8 4.01 17.54 -1.73
N GLN A 9 5.16 17.60 -1.05
CA GLN A 9 6.45 17.43 -1.73
C GLN A 9 6.66 15.99 -2.16
N LEU A 10 6.34 15.03 -1.30
CA LEU A 10 6.45 13.63 -1.70
C LEU A 10 5.54 13.34 -2.87
N LEU A 11 4.27 13.72 -2.75
CA LEU A 11 3.24 13.39 -3.74
C LEU A 11 2.99 14.60 -4.63
N LYS A 12 4.06 15.03 -5.29
CA LYS A 12 4.11 16.36 -5.90
C LYS A 12 3.22 16.52 -7.13
N HIS A 13 2.95 15.43 -7.86
CA HIS A 13 2.25 15.51 -9.13
C HIS A 13 0.85 14.93 -9.10
N ARG A 14 0.40 14.45 -7.94
CA ARG A 14 -0.90 13.79 -7.87
C ARG A 14 -2.06 14.70 -8.28
N ASN A 15 -1.92 16.02 -8.14
CA ASN A 15 -3.00 16.94 -8.48
C ASN A 15 -2.81 17.60 -9.84
N ASP A 16 -1.91 17.06 -10.65
CA ASP A 16 -1.74 17.50 -12.03
C ASP A 16 -2.96 17.07 -12.84
N GLY A 17 -3.32 17.88 -13.83
CA GLY A 17 -4.37 17.48 -14.74
C GLY A 17 -4.10 16.16 -15.43
N ALA A 18 -2.82 15.78 -15.52
CA ALA A 18 -2.44 14.51 -16.14
C ALA A 18 -2.94 13.31 -15.35
N CYS A 19 -3.32 13.53 -14.10
CA CYS A 19 -3.62 12.43 -13.19
C CYS A 19 -5.12 12.29 -13.02
N PRO A 20 -5.69 11.12 -13.29
CA PRO A 20 -7.16 10.94 -13.09
C PRO A 20 -7.60 11.22 -11.66
N ALA A 21 -6.70 11.05 -10.71
CA ALA A 21 -7.04 11.20 -9.30
C ALA A 21 -6.85 12.61 -8.81
N LYS A 22 -6.68 13.57 -9.72
CA LYS A 22 -6.47 14.96 -9.33
C LYS A 22 -7.54 15.43 -8.35
N GLY A 23 -7.07 15.99 -7.25
CA GLY A 23 -7.91 16.55 -6.22
C GLY A 23 -8.44 15.56 -5.21
N PHE A 24 -8.30 14.26 -5.46
CA PHE A 24 -8.94 13.26 -4.61
C PHE A 24 -8.15 12.96 -3.34
N TYR A 25 -6.84 12.75 -3.48
CA TYR A 25 -6.03 12.25 -2.38
C TYR A 25 -5.50 13.43 -1.56
N THR A 26 -6.39 14.00 -0.74
CA THR A 26 -6.05 15.17 0.04
C THR A 26 -5.29 14.81 1.31
N TYR A 27 -4.41 15.71 1.71
CA TYR A 27 -3.72 15.53 2.97
C TYR A 27 -4.72 15.40 4.12
N ASP A 28 -5.82 16.16 4.07
CA ASP A 28 -6.77 16.10 5.17
C ASP A 28 -7.42 14.74 5.26
N ALA A 29 -7.68 14.11 4.11
CA ALA A 29 -8.24 12.77 4.11
C ALA A 29 -7.25 11.75 4.66
N PHE A 30 -5.96 11.94 4.38
CA PHE A 30 -4.92 11.04 4.88
C PHE A 30 -4.85 11.10 6.40
N ILE A 31 -4.86 12.31 6.95
CA ILE A 31 -4.78 12.48 8.39
C ILE A 31 -6.04 11.97 9.07
N ALA A 32 -7.22 12.22 8.49
CA ALA A 32 -8.45 11.69 9.08
C ALA A 32 -8.41 10.16 9.09
N ALA A 33 -7.97 9.55 7.99
CA ALA A 33 -7.91 8.10 7.94
C ALA A 33 -6.97 7.55 8.99
N ALA A 34 -5.80 8.18 9.14
CA ALA A 34 -4.80 7.69 10.06
C ALA A 34 -5.29 7.69 11.49
N LYS A 35 -6.27 8.54 11.80
CA LYS A 35 -6.84 8.58 13.13
C LYS A 35 -7.54 7.28 13.51
N SER A 36 -8.07 6.55 12.52
CA SER A 36 -8.69 5.26 12.75
C SER A 36 -7.69 4.16 13.07
N PHE A 37 -6.39 4.43 12.86
CA PHE A 37 -5.33 3.46 13.09
C PHE A 37 -4.22 4.16 13.88
N PRO A 38 -4.44 4.41 15.17
CA PRO A 38 -3.57 5.35 15.87
C PRO A 38 -2.14 4.89 16.04
N SER A 39 -1.83 3.60 15.90
CA SER A 39 -0.44 3.18 15.99
C SER A 39 0.32 3.43 14.69
N PHE A 40 -0.38 3.71 13.59
CA PHE A 40 0.28 4.00 12.32
C PHE A 40 1.06 5.30 12.42
N GLY A 41 2.36 5.23 12.15
CA GLY A 41 3.20 6.37 12.16
C GLY A 41 3.53 6.90 13.54
N THR A 42 3.09 6.24 14.59
CA THR A 42 3.37 6.65 15.96
C THR A 42 4.14 5.57 16.74
N THR A 43 4.55 4.51 16.09
CA THR A 43 5.16 3.37 16.77
C THR A 43 6.67 3.41 16.53
N GLY A 44 7.44 3.30 17.60
CA GLY A 44 8.88 3.37 17.49
C GLY A 44 9.44 4.77 17.62
N ASP A 45 10.76 4.85 17.44
CA ASP A 45 11.46 6.10 17.59
C ASP A 45 11.30 6.94 16.33
N THR A 46 11.95 8.11 16.33
CA THR A 46 11.71 9.09 15.27
C THR A 46 12.02 8.53 13.89
N ASP A 47 13.12 7.79 13.77
CA ASP A 47 13.48 7.23 12.46
C ASP A 47 12.44 6.20 12.00
N VAL A 48 11.95 5.37 12.93
CA VAL A 48 11.00 4.32 12.58
C VAL A 48 9.67 4.92 12.16
N ARG A 49 9.19 5.95 12.87
CA ARG A 49 7.95 6.61 12.52
C ARG A 49 8.01 7.21 11.11
N LYS A 50 9.12 7.86 10.78
CA LYS A 50 9.27 8.40 9.43
C LYS A 50 9.36 7.28 8.41
N ARG A 51 10.08 6.22 8.76
CA ARG A 51 10.25 5.15 7.80
C ARG A 51 8.93 4.47 7.50
N GLU A 52 8.07 4.32 8.53
CA GLU A 52 6.79 3.69 8.28
C GLU A 52 5.98 4.49 7.27
N ILE A 53 5.98 5.82 7.41
CA ILE A 53 5.24 6.63 6.46
C ILE A 53 5.88 6.55 5.07
N ALA A 54 7.21 6.56 5.00
CA ALA A 54 7.86 6.41 3.71
C ALA A 54 7.51 5.07 3.06
N ALA A 55 7.45 4.00 3.87
CA ALA A 55 7.20 2.68 3.29
C ALA A 55 5.75 2.56 2.85
N PHE A 56 4.83 3.08 3.67
CA PHE A 56 3.42 3.04 3.29
C PHE A 56 3.18 3.87 2.02
N LEU A 57 3.73 5.08 1.98
CA LEU A 57 3.55 5.91 0.80
C LEU A 57 4.30 5.34 -0.40
N GLY A 58 5.41 4.67 -0.17
CA GLY A 58 6.17 4.12 -1.28
C GLY A 58 5.41 3.02 -1.98
N GLN A 59 4.91 2.07 -1.21
CA GLN A 59 4.20 0.94 -1.81
C GLN A 59 2.92 1.40 -2.49
N THR A 60 2.15 2.24 -1.79
CA THR A 60 0.92 2.74 -2.39
C THR A 60 1.18 3.66 -3.59
N SER A 61 2.28 4.40 -3.59
CA SER A 61 2.63 5.17 -4.78
C SER A 61 2.86 4.25 -5.96
N HIS A 62 3.55 3.12 -5.73
CA HIS A 62 3.73 2.21 -6.85
C HIS A 62 2.38 1.74 -7.40
N GLU A 63 1.43 1.41 -6.51
CA GLU A 63 0.15 0.90 -6.97
C GLU A 63 -0.64 1.91 -7.77
N THR A 64 -0.31 3.20 -7.65
CA THR A 64 -1.07 4.29 -8.24
C THR A 64 -0.20 5.19 -9.11
N THR A 65 0.95 4.71 -9.54
CA THR A 65 1.92 5.60 -10.18
C THR A 65 1.50 6.00 -11.58
N GLY A 66 1.74 7.26 -11.91
CA GLY A 66 1.64 7.76 -13.26
C GLY A 66 3.00 8.10 -13.84
N GLY A 67 4.08 7.59 -13.26
CA GLY A 67 5.41 7.99 -13.66
C GLY A 67 5.85 7.39 -14.98
N TRP A 68 6.90 7.98 -15.53
CA TRP A 68 7.60 7.40 -16.66
C TRP A 68 9.05 7.85 -16.58
N PRO A 69 9.94 7.22 -17.34
CA PRO A 69 11.38 7.38 -17.04
C PRO A 69 11.90 8.79 -17.18
N THR A 70 11.37 9.58 -18.10
CA THR A 70 11.84 10.94 -18.34
C THR A 70 10.90 11.98 -17.76
N ALA A 71 10.06 11.58 -16.81
CA ALA A 71 9.06 12.49 -16.28
C ALA A 71 9.72 13.63 -15.52
N PRO A 72 9.08 14.79 -15.45
CA PRO A 72 9.52 15.84 -14.54
C PRO A 72 9.61 15.34 -13.10
N ASP A 73 10.74 15.68 -12.45
CA ASP A 73 11.08 15.26 -11.10
C ASP A 73 11.34 13.78 -11.00
N GLY A 74 11.46 13.09 -12.13
CA GLY A 74 11.65 11.66 -12.14
C GLY A 74 10.40 10.84 -11.89
N PRO A 75 10.46 9.54 -12.16
CA PRO A 75 9.27 8.70 -12.03
C PRO A 75 8.79 8.53 -10.60
N TYR A 76 9.65 8.76 -9.61
CA TYR A 76 9.26 8.54 -8.23
C TYR A 76 8.67 9.77 -7.62
N ALA A 77 8.20 10.71 -8.45
CA ALA A 77 7.44 11.86 -7.98
C ALA A 77 6.00 11.80 -8.42
N TRP A 78 5.59 10.70 -9.05
CA TRP A 78 4.28 10.54 -9.70
C TRP A 78 3.41 9.51 -9.01
N GLY A 79 3.60 9.34 -7.69
CA GLY A 79 2.68 8.49 -6.93
C GLY A 79 1.30 9.11 -6.83
N TYR A 80 0.31 8.27 -6.56
CA TYR A 80 -1.05 8.73 -6.28
C TYR A 80 -1.68 9.47 -7.45
N CYS A 81 -1.33 9.04 -8.67
CA CYS A 81 -1.85 9.61 -9.89
C CYS A 81 -3.16 8.99 -10.31
N PHE A 82 -3.32 7.70 -10.05
CA PHE A 82 -4.50 6.94 -10.40
C PHE A 82 -5.32 6.56 -9.17
N LEU A 83 -6.60 6.36 -9.40
CA LEU A 83 -7.56 6.00 -8.36
C LEU A 83 -8.15 4.63 -8.62
N LYS A 84 -8.37 4.30 -9.89
CA LYS A 84 -9.05 3.12 -10.35
C LYS A 84 -8.15 2.33 -11.30
N GLU A 85 -8.16 1.02 -11.15
CA GLU A 85 -7.39 0.13 -12.01
C GLU A 85 -7.71 0.43 -13.46
N ILE A 86 -6.66 0.47 -14.26
CA ILE A 86 -6.79 0.81 -15.68
C ILE A 86 -7.18 -0.46 -16.42
N ASN A 87 -8.25 -0.40 -17.19
CA ASN A 87 -8.72 -1.54 -17.95
C ASN A 87 -8.73 -2.84 -17.15
N PRO A 88 -9.63 -2.96 -16.18
CA PRO A 88 -9.75 -4.21 -15.43
C PRO A 88 -10.26 -5.36 -16.30
N SER A 89 -9.63 -6.53 -16.13
CA SER A 89 -9.93 -7.68 -16.98
C SER A 89 -11.19 -8.44 -16.56
N SER A 90 -11.75 -8.18 -15.38
CA SER A 90 -12.98 -8.85 -14.96
C SER A 90 -13.67 -8.03 -13.89
N ASP A 91 -14.75 -8.59 -13.33
CA ASP A 91 -15.45 -8.01 -12.20
C ASP A 91 -14.73 -8.24 -10.88
N TYR A 92 -13.68 -9.05 -10.87
CA TYR A 92 -13.00 -9.42 -9.65
C TYR A 92 -13.97 -9.98 -8.62
N CYS A 93 -14.91 -10.80 -9.09
CA CYS A 93 -15.91 -11.44 -8.24
C CYS A 93 -15.58 -12.92 -8.14
N ASP A 94 -15.36 -13.39 -6.91
CA ASP A 94 -15.14 -14.81 -6.60
C ASP A 94 -16.24 -15.21 -5.64
N PRO A 95 -17.40 -15.65 -6.13
CA PRO A 95 -18.57 -15.77 -5.27
C PRO A 95 -18.35 -16.72 -4.11
N SER A 96 -18.95 -16.34 -2.97
CA SER A 96 -18.66 -16.83 -1.66
C SER A 96 -19.94 -16.68 -0.84
N PRO A 97 -20.36 -17.68 -0.06
CA PRO A 97 -21.44 -17.42 0.87
C PRO A 97 -21.06 -16.37 1.90
N GLN A 98 -19.79 -16.35 2.33
CA GLN A 98 -19.32 -15.30 3.23
C GLN A 98 -19.26 -13.96 2.53
N TYR A 99 -18.76 -13.91 1.28
CA TYR A 99 -18.68 -12.67 0.52
C TYR A 99 -19.41 -12.84 -0.81
N PRO A 100 -20.70 -12.51 -0.86
CA PRO A 100 -21.42 -12.58 -2.13
C PRO A 100 -21.35 -11.30 -2.93
N CYS A 101 -21.07 -11.44 -4.21
CA CYS A 101 -20.91 -10.29 -5.08
C CYS A 101 -22.24 -9.56 -5.24
N ALA A 102 -22.18 -8.25 -5.06
CA ALA A 102 -23.36 -7.42 -5.22
C ALA A 102 -23.70 -7.28 -6.70
N PRO A 103 -24.98 -7.33 -7.06
CA PRO A 103 -25.34 -7.27 -8.48
C PRO A 103 -24.94 -5.95 -9.12
N GLY A 104 -24.34 -6.03 -10.30
CA GLY A 104 -23.91 -4.86 -11.01
C GLY A 104 -22.59 -4.26 -10.56
N LYS A 105 -22.01 -4.76 -9.48
CA LYS A 105 -20.81 -4.16 -8.90
C LYS A 105 -19.55 -4.85 -9.38
N GLN A 106 -18.42 -4.14 -9.23
CA GLN A 106 -17.13 -4.65 -9.66
C GLN A 106 -16.11 -4.34 -8.58
N TYR A 107 -15.18 -5.26 -8.39
CA TYR A 107 -14.21 -5.16 -7.31
C TYR A 107 -12.80 -5.00 -7.86
N TYR A 108 -12.67 -4.30 -8.97
CA TYR A 108 -11.36 -3.99 -9.50
C TYR A 108 -10.62 -3.07 -8.53
N GLY A 109 -9.33 -2.89 -8.81
CA GLY A 109 -8.47 -2.12 -7.93
C GLY A 109 -8.95 -0.71 -7.70
N ARG A 110 -9.05 -0.30 -6.42
CA ARG A 110 -9.42 1.08 -6.12
C ARG A 110 -8.58 1.59 -4.95
N GLY A 111 -8.21 2.87 -4.98
CA GLY A 111 -7.54 3.54 -3.90
C GLY A 111 -6.05 3.23 -3.81
N PRO A 112 -5.41 3.72 -2.74
CA PRO A 112 -3.95 3.66 -2.68
C PRO A 112 -3.35 2.26 -2.69
N ILE A 113 -4.01 1.22 -2.17
CA ILE A 113 -3.46 -0.13 -2.24
C ILE A 113 -4.12 -0.95 -3.37
N GLN A 114 -4.95 -0.31 -4.19
CA GLN A 114 -5.64 -0.98 -5.28
C GLN A 114 -6.33 -2.26 -4.78
N LEU A 115 -7.05 -2.06 -3.69
CA LEU A 115 -7.94 -3.07 -3.13
C LEU A 115 -8.75 -3.74 -4.23
N SER A 116 -8.71 -5.08 -4.23
CA SER A 116 -9.28 -5.88 -5.31
C SER A 116 -9.94 -7.10 -4.70
N TRP A 117 -11.07 -7.49 -5.32
CA TRP A 117 -11.81 -8.73 -5.08
C TRP A 117 -12.87 -8.57 -4.01
N ASN A 118 -14.04 -9.20 -4.21
CA ASN A 118 -15.11 -9.10 -3.22
C ASN A 118 -14.66 -9.54 -1.84
N TYR A 119 -13.79 -10.55 -1.77
CA TYR A 119 -13.40 -11.09 -0.47
C TYR A 119 -12.28 -10.30 0.18
N ASN A 120 -11.80 -9.22 -0.47
CA ASN A 120 -11.01 -8.22 0.22
C ASN A 120 -11.87 -7.00 0.56
N TYR A 121 -12.76 -6.59 -0.34
CA TYR A 121 -13.65 -5.46 -0.02
C TYR A 121 -14.54 -5.79 1.17
N GLY A 122 -15.00 -7.04 1.27
CA GLY A 122 -15.82 -7.46 2.38
C GLY A 122 -15.24 -7.25 3.75
N PRO A 123 -14.13 -7.96 4.06
CA PRO A 123 -13.57 -7.82 5.40
C PRO A 123 -12.99 -6.44 5.67
N CYS A 124 -12.52 -5.75 4.63
CA CYS A 124 -12.04 -4.39 4.82
C CYS A 124 -13.16 -3.48 5.27
N GLY A 125 -14.27 -3.51 4.56
CA GLY A 125 -15.39 -2.69 4.94
C GLY A 125 -15.87 -3.01 6.33
N GLU A 126 -15.95 -4.30 6.66
CA GLU A 126 -16.37 -4.69 8.01
C GLU A 126 -15.48 -4.05 9.06
N ALA A 127 -14.17 -4.03 8.82
CA ALA A 127 -13.26 -3.45 9.79
C ALA A 127 -13.40 -1.94 9.89
N LEU A 128 -13.77 -1.28 8.78
CA LEU A 128 -13.93 0.16 8.78
C LEU A 128 -15.31 0.62 9.23
N GLY A 129 -16.29 -0.27 9.25
CA GLY A 129 -17.65 0.15 9.52
C GLY A 129 -18.41 0.66 8.31
N VAL A 130 -18.08 0.17 7.12
CA VAL A 130 -18.67 0.63 5.88
C VAL A 130 -18.96 -0.57 5.00
N ASP A 131 -20.11 -0.59 4.32
CA ASP A 131 -20.42 -1.74 3.47
C ASP A 131 -19.77 -1.60 2.10
N LEU A 132 -18.52 -2.07 1.99
CA LEU A 132 -17.81 -2.01 0.72
C LEU A 132 -18.10 -3.19 -0.17
N LEU A 133 -18.54 -4.32 0.38
CA LEU A 133 -19.04 -5.40 -0.46
C LEU A 133 -20.20 -4.92 -1.32
N ASN A 134 -21.11 -4.14 -0.75
CA ASN A 134 -22.28 -3.71 -1.50
C ASN A 134 -22.11 -2.35 -2.15
N ASN A 135 -21.12 -1.56 -1.75
CA ASN A 135 -20.82 -0.29 -2.40
C ASN A 135 -19.31 -0.15 -2.56
N PRO A 136 -18.71 -0.98 -3.41
CA PRO A 136 -17.24 -0.94 -3.55
C PRO A 136 -16.76 0.36 -4.13
N ASP A 137 -17.62 1.08 -4.84
CA ASP A 137 -17.21 2.32 -5.47
C ASP A 137 -16.86 3.39 -4.44
N LEU A 138 -17.25 3.22 -3.19
CA LEU A 138 -16.86 4.17 -2.14
C LEU A 138 -15.34 4.33 -2.04
N VAL A 139 -14.58 3.29 -2.41
CA VAL A 139 -13.12 3.36 -2.29
C VAL A 139 -12.56 4.34 -3.31
N ALA A 140 -13.32 4.65 -4.35
CA ALA A 140 -12.91 5.63 -5.34
C ALA A 140 -13.79 6.88 -5.35
N THR A 141 -14.65 7.08 -4.35
CA THR A 141 -15.43 8.31 -4.28
C THR A 141 -15.29 9.08 -2.98
N ASP A 142 -14.85 8.43 -1.91
CA ASP A 142 -14.71 9.06 -0.60
C ASP A 142 -13.24 8.94 -0.22
N PRO A 143 -12.47 10.02 -0.26
CA PRO A 143 -11.02 9.89 -0.02
C PRO A 143 -10.65 9.40 1.37
N VAL A 144 -11.43 9.73 2.40
CA VAL A 144 -11.11 9.17 3.72
C VAL A 144 -11.25 7.65 3.71
N ILE A 145 -12.38 7.13 3.19
CA ILE A 145 -12.51 5.69 3.08
C ILE A 145 -11.38 5.11 2.23
N SER A 146 -11.06 5.79 1.12
CA SER A 146 -9.99 5.29 0.26
C SER A 146 -8.70 5.10 1.05
N PHE A 147 -8.26 6.14 1.78
CA PHE A 147 -7.03 5.96 2.56
C PHE A 147 -7.22 4.91 3.64
N LYS A 148 -8.41 4.85 4.24
CA LYS A 148 -8.65 3.83 5.27
C LYS A 148 -8.48 2.41 4.71
N THR A 149 -8.88 2.16 3.45
CA THR A 149 -8.72 0.79 2.94
C THR A 149 -7.25 0.41 2.85
N ALA A 150 -6.41 1.35 2.46
CA ALA A 150 -4.98 1.10 2.36
C ALA A 150 -4.36 0.90 3.73
N LEU A 151 -4.76 1.71 4.71
CA LEU A 151 -4.27 1.51 6.07
C LEU A 151 -4.79 0.20 6.67
N TRP A 152 -6.04 -0.15 6.38
CA TRP A 152 -6.52 -1.48 6.78
C TRP A 152 -5.59 -2.57 6.27
N PHE A 153 -5.25 -2.53 4.98
CA PHE A 153 -4.37 -3.55 4.45
C PHE A 153 -3.04 -3.54 5.20
N TRP A 154 -2.45 -2.36 5.35
CA TRP A 154 -1.14 -2.20 5.97
C TRP A 154 -1.09 -2.71 7.40
N MET A 155 -2.20 -2.57 8.13
CA MET A 155 -2.24 -2.83 9.55
C MET A 155 -2.77 -4.20 9.92
N THR A 156 -3.28 -4.96 8.95
CA THR A 156 -3.97 -6.21 9.27
C THR A 156 -3.12 -7.41 8.89
N PRO A 157 -2.76 -8.25 9.84
CA PRO A 157 -2.02 -9.47 9.50
C PRO A 157 -2.95 -10.51 8.88
N GLN A 158 -2.33 -11.43 8.16
N GLN A 158 -2.43 -11.30 7.93
CA GLN A 158 -2.93 -12.69 7.76
CA GLN A 158 -3.31 -12.18 7.15
C GLN A 158 -2.12 -13.81 8.44
C GLN A 158 -2.86 -13.63 7.00
N SER A 159 -2.17 -13.82 9.76
N SER A 159 -1.75 -14.04 7.60
CA SER A 159 -1.24 -14.64 10.53
CA SER A 159 -1.35 -15.46 7.59
C SER A 159 -1.18 -16.05 9.96
C SER A 159 -1.16 -16.03 6.17
N PRO A 160 0.01 -16.66 9.88
N PRO A 160 0.02 -16.58 5.91
CA PRO A 160 1.30 -16.18 10.42
CA PRO A 160 1.12 -16.73 6.86
C PRO A 160 1.97 -15.11 9.57
C PRO A 160 1.88 -15.42 7.13
N LYS A 161 1.42 -14.77 8.41
N LYS A 161 1.31 -14.24 6.73
CA LYS A 161 1.98 -13.67 7.63
CA LYS A 161 2.00 -12.95 6.67
C LYS A 161 1.76 -12.38 8.40
C LYS A 161 1.71 -12.07 7.86
N PRO A 162 2.76 -11.51 8.49
CA PRO A 162 2.61 -10.37 9.40
C PRO A 162 2.00 -9.20 8.66
N SER A 163 1.56 -8.22 9.45
CA SER A 163 1.17 -6.95 8.85
C SER A 163 2.42 -6.18 8.41
N CYS A 164 2.24 -5.38 7.36
CA CYS A 164 3.30 -4.49 6.95
C CYS A 164 3.71 -3.59 8.10
N HIS A 165 2.74 -3.07 8.83
CA HIS A 165 3.03 -2.26 10.01
C HIS A 165 3.99 -2.97 10.96
N ASP A 166 3.72 -4.23 11.30
CA ASP A 166 4.61 -4.87 12.27
C ASP A 166 5.99 -5.07 11.72
N VAL A 167 6.11 -5.30 10.42
CA VAL A 167 7.43 -5.46 9.82
C VAL A 167 8.26 -4.19 9.95
N ILE A 168 7.69 -3.05 9.52
CA ILE A 168 8.51 -1.83 9.40
C ILE A 168 8.80 -1.20 10.76
N THR A 169 7.96 -1.46 11.76
CA THR A 169 8.19 -0.91 13.10
C THR A 169 8.99 -1.84 14.00
N GLY A 170 9.43 -2.99 13.50
CA GLY A 170 10.26 -3.88 14.29
C GLY A 170 9.51 -4.81 15.21
N ARG A 171 8.20 -4.92 15.08
CA ARG A 171 7.41 -5.75 15.98
C ARG A 171 7.27 -7.18 15.46
N TRP A 172 7.74 -7.46 14.25
CA TRP A 172 7.68 -8.80 13.69
C TRP A 172 9.02 -9.46 13.81
N THR A 173 9.02 -10.66 14.39
CA THR A 173 10.22 -11.47 14.37
C THR A 173 9.97 -12.68 13.50
N PRO A 174 10.77 -12.87 12.45
CA PRO A 174 10.53 -13.97 11.53
C PRO A 174 10.54 -15.31 12.27
N SER A 175 9.63 -16.19 11.87
CA SER A 175 9.71 -17.58 12.34
C SER A 175 10.94 -18.26 11.73
N ALA A 176 11.27 -19.44 12.25
CA ALA A 176 12.42 -20.15 11.68
C ALA A 176 12.18 -20.50 10.23
N ALA A 177 10.95 -20.81 9.86
CA ALA A 177 10.62 -21.08 8.48
C ALA A 177 10.78 -19.82 7.64
N ASP A 178 10.32 -18.68 8.16
CA ASP A 178 10.54 -17.41 7.47
C ASP A 178 12.02 -17.22 7.18
N ARG A 179 12.86 -17.39 8.20
CA ARG A 179 14.30 -17.20 8.02
C ARG A 179 14.83 -18.16 6.95
N ALA A 180 14.38 -19.41 6.97
CA ALA A 180 14.82 -20.38 5.97
C ALA A 180 14.38 -19.99 4.56
N ALA A 181 13.24 -19.29 4.45
CA ALA A 181 12.75 -18.80 3.17
C ALA A 181 13.37 -17.46 2.75
N GLY A 182 14.27 -16.89 3.54
CA GLY A 182 14.90 -15.63 3.20
C GLY A 182 14.11 -14.40 3.61
N ARG A 183 13.00 -14.59 4.32
CA ARG A 183 12.09 -13.51 4.68
C ARG A 183 12.56 -12.91 5.99
N VAL A 184 13.21 -11.76 5.87
CA VAL A 184 13.75 -11.02 7.02
C VAL A 184 13.22 -9.60 6.96
N PRO A 185 13.20 -8.90 8.08
CA PRO A 185 12.50 -7.61 8.13
C PRO A 185 13.13 -6.56 7.23
N GLY A 186 12.27 -5.79 6.60
CA GLY A 186 12.72 -4.80 5.64
C GLY A 186 11.60 -4.53 4.65
N TYR A 187 11.87 -3.56 3.77
CA TYR A 187 10.91 -3.21 2.75
C TYR A 187 10.64 -4.37 1.82
N GLY A 188 11.63 -5.25 1.64
CA GLY A 188 11.46 -6.37 0.74
C GLY A 188 10.33 -7.30 1.16
N VAL A 189 10.25 -7.61 2.46
CA VAL A 189 9.20 -8.51 2.92
C VAL A 189 7.85 -7.81 2.86
N ILE A 190 7.84 -6.47 2.91
CA ILE A 190 6.59 -5.73 2.69
C ILE A 190 6.11 -5.89 1.25
N THR A 191 7.02 -5.77 0.28
CA THR A 191 6.65 -6.10 -1.10
C THR A 191 6.11 -7.53 -1.19
N ASN A 192 6.75 -8.47 -0.50
CA ASN A 192 6.30 -9.86 -0.50
C ASN A 192 4.88 -9.98 0.01
N ILE A 193 4.57 -9.33 1.14
CA ILE A 193 3.22 -9.34 1.67
C ILE A 193 2.25 -8.81 0.63
N ILE A 194 2.61 -7.72 -0.04
CA ILE A 194 1.64 -7.03 -0.89
C ILE A 194 1.41 -7.79 -2.20
N ASN A 195 2.47 -8.31 -2.82
CA ASN A 195 2.30 -8.95 -4.11
C ASN A 195 3.40 -9.96 -4.39
N GLY A 196 3.84 -10.66 -3.35
CA GLY A 196 5.00 -11.51 -3.49
C GLY A 196 4.79 -12.69 -4.43
N GLY A 197 3.58 -13.22 -4.50
CA GLY A 197 3.33 -14.33 -5.40
C GLY A 197 3.80 -14.05 -6.81
N LEU A 198 3.66 -12.80 -7.27
CA LEU A 198 4.03 -12.42 -8.62
C LEU A 198 5.36 -11.71 -8.73
N GLU A 199 5.88 -11.15 -7.64
CA GLU A 199 7.03 -10.26 -7.75
C GLU A 199 8.28 -10.74 -7.02
N CYS A 200 8.16 -11.67 -6.08
CA CYS A 200 9.27 -12.00 -5.20
C CYS A 200 9.84 -13.38 -5.50
N GLY A 201 11.08 -13.57 -5.10
CA GLY A 201 11.72 -14.87 -5.23
C GLY A 201 12.06 -15.28 -6.64
N LYS A 202 12.36 -14.30 -7.52
CA LYS A 202 12.65 -14.61 -8.92
C LYS A 202 13.70 -13.68 -9.54
N GLY A 203 14.54 -13.01 -8.75
CA GLY A 203 15.51 -12.10 -9.29
C GLY A 203 14.92 -10.72 -9.56
N PRO A 204 15.73 -9.82 -10.09
CA PRO A 204 15.30 -8.43 -10.31
C PRO A 204 13.98 -8.35 -11.08
N ASP A 205 13.22 -7.29 -10.81
CA ASP A 205 11.87 -7.16 -11.34
C ASP A 205 11.55 -5.67 -11.41
N ALA A 206 10.99 -5.23 -12.55
CA ALA A 206 10.73 -3.81 -12.76
C ALA A 206 9.69 -3.25 -11.80
N GLN A 207 8.71 -4.07 -11.41
CA GLN A 207 7.71 -3.60 -10.45
C GLN A 207 8.34 -3.39 -9.09
N VAL A 208 9.18 -4.33 -8.65
CA VAL A 208 9.82 -4.21 -7.35
C VAL A 208 10.75 -3.00 -7.35
N GLU A 209 11.46 -2.80 -8.45
CA GLU A 209 12.37 -1.66 -8.53
C GLU A 209 11.61 -0.34 -8.44
N ASP A 210 10.40 -0.29 -9.02
CA ASP A 210 9.56 0.89 -8.90
C ASP A 210 9.14 1.12 -7.44
N ARG A 211 8.69 0.08 -6.76
CA ARG A 211 8.35 0.24 -5.34
C ARG A 211 9.54 0.81 -4.55
N ILE A 212 10.74 0.29 -4.81
CA ILE A 212 11.92 0.71 -4.07
C ILE A 212 12.28 2.16 -4.44
N GLY A 213 12.13 2.52 -5.70
CA GLY A 213 12.45 3.89 -6.12
C GLY A 213 11.63 4.92 -5.36
N PHE A 214 10.33 4.68 -5.23
CA PHE A 214 9.50 5.58 -4.43
C PHE A 214 9.98 5.63 -2.99
N TYR A 215 10.14 4.46 -2.36
CA TYR A 215 10.55 4.40 -0.97
C TYR A 215 11.85 5.16 -0.74
N LYS A 216 12.85 4.97 -1.63
CA LYS A 216 14.13 5.64 -1.45
C LYS A 216 13.99 7.16 -1.57
N ARG A 217 13.20 7.62 -2.53
CA ARG A 217 13.01 9.07 -2.67
C ARG A 217 12.33 9.63 -1.42
N TYR A 218 11.32 8.92 -0.90
CA TYR A 218 10.64 9.43 0.28
C TYR A 218 11.55 9.41 1.49
N CYS A 219 12.32 8.33 1.68
CA CYS A 219 13.25 8.28 2.78
C CYS A 219 14.26 9.43 2.66
N ASP A 220 14.72 9.70 1.43
CA ASP A 220 15.68 10.78 1.21
C ASP A 220 15.11 12.12 1.63
N ILE A 221 13.88 12.42 1.21
CA ILE A 221 13.25 13.70 1.54
C ILE A 221 12.92 13.78 3.03
N LEU A 222 12.51 12.65 3.66
CA LEU A 222 12.23 12.67 5.08
C LEU A 222 13.50 12.62 5.96
N GLY A 223 14.65 12.30 5.38
CA GLY A 223 15.89 12.28 6.16
C GLY A 223 16.07 11.04 6.99
N VAL A 224 15.75 9.87 6.44
CA VAL A 224 15.89 8.62 7.18
C VAL A 224 16.54 7.57 6.30
N SER A 225 17.28 6.66 6.94
CA SER A 225 17.89 5.55 6.22
C SER A 225 16.82 4.56 5.74
N TYR A 226 17.18 3.81 4.69
CA TYR A 226 16.22 2.89 4.09
C TYR A 226 15.98 1.63 4.90
N GLY A 227 16.92 1.25 5.76
CA GLY A 227 16.88 -0.05 6.37
C GLY A 227 17.46 -1.09 5.42
N ASN A 228 17.64 -2.30 5.96
CA ASN A 228 18.26 -3.37 5.20
C ASN A 228 17.20 -4.20 4.49
N ASN A 229 17.64 -5.06 3.59
CA ASN A 229 16.77 -6.03 2.94
C ASN A 229 15.65 -5.33 2.17
N LEU A 230 16.05 -4.45 1.24
CA LEU A 230 15.08 -3.64 0.52
C LEU A 230 14.29 -4.42 -0.54
N ASP A 231 14.88 -5.47 -1.12
CA ASP A 231 14.21 -6.23 -2.17
C ASP A 231 13.84 -7.61 -1.64
N CYS A 232 12.99 -8.29 -2.41
CA CYS A 232 12.53 -9.62 -2.10
C CYS A 232 13.02 -10.62 -3.14
N TYR A 233 14.08 -10.26 -3.87
CA TYR A 233 14.52 -11.06 -5.00
C TYR A 233 14.97 -12.44 -4.59
N ASN A 234 15.35 -12.60 -3.32
CA ASN A 234 15.84 -13.87 -2.80
C ASN A 234 14.96 -14.36 -1.67
N GLN A 235 13.68 -13.99 -1.69
CA GLN A 235 12.72 -14.43 -0.69
C GLN A 235 11.67 -15.34 -1.32
N ARG A 236 11.39 -16.46 -0.66
CA ARG A 236 10.23 -17.23 -1.06
C ARG A 236 8.96 -16.42 -0.82
N PRO A 237 8.03 -16.41 -1.75
CA PRO A 237 6.73 -15.80 -1.46
C PRO A 237 6.07 -16.51 -0.28
N PHE A 238 5.28 -15.76 0.49
CA PHE A 238 4.50 -16.32 1.59
C PHE A 238 3.48 -17.42 1.18
O1 MES B . -2.00 -5.31 -7.33
C2 MES B . -3.27 -4.87 -6.88
C3 MES B . -3.23 -4.51 -5.39
N4 MES B . -2.83 -5.69 -4.63
C5 MES B . -1.52 -6.17 -5.06
C6 MES B . -1.54 -6.41 -6.55
C7 MES B . -2.92 -5.59 -3.17
C8 MES B . -4.33 -5.23 -2.68
S MES B . -5.37 -6.56 -2.62
O1S MES B . -6.67 -6.15 -2.09
O2S MES B . -5.61 -6.96 -4.03
O3S MES B . -4.83 -7.69 -1.81
H21 MES B . -3.59 -4.00 -7.45
H22 MES B . -4.01 -5.66 -7.04
H31 MES B . -4.21 -4.17 -5.06
H32 MES B . -2.52 -3.71 -5.22
HN4 MES B . -3.53 -6.38 -4.86
H51 MES B . -1.26 -7.09 -4.54
H52 MES B . -0.76 -5.43 -4.81
H61 MES B . -0.52 -6.66 -6.89
H62 MES B . -2.17 -7.27 -6.76
H71 MES B . -2.23 -4.84 -2.82
H72 MES B . -2.63 -6.55 -2.73
H81 MES B . -4.76 -4.47 -3.34
H82 MES B . -4.27 -4.79 -1.68
C2 1PG C . 13.18 -1.08 14.20
C1 1PG C . 13.05 -2.40 16.18
O1 1PG C . 13.88 -1.70 15.27
O2 1PG C . 12.70 -2.41 12.24
C3 1PG C . 13.69 -1.57 12.87
C4 1PG C . 13.17 -3.12 11.10
C5 1PG C . 13.31 -2.19 9.92
O3 1PG C . 13.70 -2.88 8.73
C6 1PG C . 14.99 -3.51 8.79
C7 1PG C . 16.11 -2.50 8.76
O4 1PG C . 16.38 -1.98 10.06
C8 1PG C . 16.72 -0.60 10.07
C9 1PG C . 18.08 -0.35 9.50
O5 1PG C . 18.16 0.98 8.94
C10 1PG C . 19.45 1.42 8.53
C11 1PG C . 19.94 0.68 7.32
O6 1PG C . 20.07 1.51 6.17
H21 1PG C . 13.32 -0.12 14.25
H22 1PG C . 12.24 -1.28 14.28
H11 1PG C . 12.75 -3.24 15.76
H12 1PG C . 12.27 -1.87 16.39
H13 1PG C . 13.54 -2.61 16.98
H31 1PG C . 14.49 -2.09 13.00
H32 1PG C . 13.88 -0.82 12.29
H41 1PG C . 12.53 -3.81 10.87
H42 1PG C . 14.02 -3.51 11.30
H51 1PG C . 13.99 -1.54 10.14
H52 1PG C . 12.46 -1.75 9.77
H61 1PG C . 15.08 -4.10 8.02
H62 1PG C . 15.04 -4.02 9.60
H71 1PG C . 15.86 -1.77 8.18
H72 1PG C . 16.91 -2.94 8.42
H81 1PG C . 16.71 -0.26 10.99
H82 1PG C . 16.07 -0.11 9.55
H91 1PG C . 18.25 -0.99 8.80
H92 1PG C . 18.74 -0.44 10.20
H101 1PG C . 20.07 1.29 9.25
H102 1PG C . 19.40 2.36 8.31
H111 1PG C . 19.32 -0.04 7.12
H112 1PG C . 20.81 0.29 7.52
HO6 1PG C . 20.82 1.90 6.23
#